data_7AQJ
#
_entry.id   7AQJ
#
_cell.length_a   113.661
_cell.length_b   53.750
_cell.length_c   44.880
_cell.angle_alpha   90.000
_cell.angle_beta   102.295
_cell.angle_gamma   90.000
#
_symmetry.space_group_name_H-M   'C 1 2 1'
#
loop_
_entity.id
_entity.type
_entity.pdbx_description
1 polymer '3C-like proteinase'
2 non-polymer 1-[(2~{R})-2-oxidanylpropyl]-3-[[(2~{R})-oxiran-2-yl]methyl]-5-[[(2~{S})-oxiran-2-yl]methyl]-1,3,5-triazinane-2,4,6-trione
3 non-polymer 'Triglycidyl isocyanurate'
4 water water
#
_entity_poly.entity_id   1
_entity_poly.type   'polypeptide(L)'
_entity_poly.pdbx_seq_one_letter_code
;SGFRKMAFPSGKVEGCMVQVTCGTTTLNGLWLDDVVYCPRHVICTSEDMLNPNYEDLLIRKSNHNFLVQAGNVQLRVIGH
SMQNCVLKLKVDTANPKTPKYKFVRIQPGQTFSVLACYNGSPSGVYQCAMRPNFTIKGSFLNGSCGSVGFNIDYDCVSFC
YMHHMELPTGVHAGTDLEGNFYGPFVDRQTAQAAGTDTTITVNVLAWLYAAVINGDRWFLNRFTTTLNDFNLVAMKYNYE
PLTQDHVDILGPLSAQTGIAVLDMCASLKELLQNGMNGRTILGSALLEDEFTPFDVVRQCSGVTFQ
;
_entity_poly.pdbx_strand_id   A
#
loop_
_chem_comp.id
_chem_comp.type
_chem_comp.name
_chem_comp.formula
RV8 non-polymer 'Triglycidyl isocyanurate' 'C12 H15 N3 O6'
S7H non-polymer 1-[(2~{R})-2-oxidanylpropyl]-3-[[(2~{R})-oxiran-2-yl]methyl]-5-[[(2~{S})-oxiran-2-yl]methyl]-1,3,5-triazinane-2,4,6-trione 'C12 H17 N3 O6'
#
# COMPACT_ATOMS: atom_id res chain seq x y z
N SER A 1 2.41 20.18 -16.36
CA SER A 1 3.45 20.24 -15.30
C SER A 1 2.84 20.03 -13.91
N GLY A 2 3.69 20.11 -12.91
CA GLY A 2 3.23 19.87 -11.54
C GLY A 2 3.38 18.41 -11.17
N PHE A 3 3.75 18.15 -9.91
CA PHE A 3 3.91 16.79 -9.41
C PHE A 3 3.07 16.61 -8.17
N ARG A 4 2.23 15.57 -8.15
CA ARG A 4 1.28 15.35 -7.07
C ARG A 4 1.22 13.87 -6.70
N LYS A 5 0.82 13.63 -5.45
CA LYS A 5 0.51 12.27 -5.01
C LYS A 5 -0.80 11.82 -5.66
N MET A 6 -0.71 10.82 -6.54
CA MET A 6 -1.82 10.45 -7.42
C MET A 6 -2.23 9.01 -7.12
N ALA A 7 -3.53 8.81 -6.93
CA ALA A 7 -4.07 7.46 -6.85
C ALA A 7 -4.59 7.06 -8.22
N PHE A 8 -4.73 5.75 -8.43
CA PHE A 8 -5.33 5.29 -9.68
C PHE A 8 -6.83 5.57 -9.69
N PRO A 9 -7.43 5.63 -10.88
CA PRO A 9 -8.90 5.69 -10.93
C PRO A 9 -9.47 4.47 -10.22
N SER A 10 -10.32 4.72 -9.23
CA SER A 10 -10.83 3.67 -8.36
C SER A 10 -12.16 3.07 -8.83
N GLY A 11 -12.59 3.35 -10.06
CA GLY A 11 -13.89 2.86 -10.50
C GLY A 11 -13.98 1.35 -10.54
N LYS A 12 -12.96 0.70 -11.09
CA LYS A 12 -13.03 -0.75 -11.26
C LYS A 12 -13.09 -1.49 -9.93
N VAL A 13 -12.57 -0.91 -8.85
CA VAL A 13 -12.59 -1.55 -7.54
C VAL A 13 -13.86 -1.23 -6.75
N GLU A 14 -14.42 -0.02 -6.92
CA GLU A 14 -15.68 0.30 -6.24
C GLU A 14 -16.71 -0.81 -6.43
N GLY A 15 -16.89 -1.25 -7.68
CA GLY A 15 -17.86 -2.26 -7.99
C GLY A 15 -17.54 -3.64 -7.48
N CYS A 16 -16.44 -3.81 -6.75
CA CYS A 16 -16.11 -5.08 -6.10
C CYS A 16 -16.24 -5.01 -4.58
N MET A 17 -16.62 -3.87 -4.03
CA MET A 17 -16.65 -3.68 -2.59
C MET A 17 -18.07 -3.99 -2.10
N VAL A 18 -18.14 -4.84 -1.07
CA VAL A 18 -19.42 -5.25 -0.48
C VAL A 18 -19.34 -5.10 1.03
N GLN A 19 -20.50 -5.24 1.66
CA GLN A 19 -20.65 -5.24 3.10
C GLN A 19 -20.77 -6.68 3.57
N VAL A 20 -19.99 -7.05 4.58
CA VAL A 20 -20.02 -8.38 5.14
C VAL A 20 -20.35 -8.26 6.63
N THR A 21 -21.42 -8.92 7.04
CA THR A 21 -21.87 -8.95 8.43
C THR A 21 -21.83 -10.40 8.92
N CYS A 22 -21.17 -10.61 10.06
CA CYS A 22 -21.15 -11.90 10.73
C CYS A 22 -21.46 -11.64 12.19
N GLY A 23 -22.68 -11.95 12.60
CA GLY A 23 -23.11 -11.71 13.95
C GLY A 23 -23.34 -10.24 14.25
N THR A 24 -22.49 -9.67 15.11
CA THR A 24 -22.62 -8.29 15.55
C THR A 24 -21.61 -7.37 14.88
N THR A 25 -20.75 -7.90 14.02
CA THR A 25 -19.63 -7.15 13.46
C THR A 25 -19.84 -6.99 11.95
N THR A 26 -19.49 -5.81 11.44
CA THR A 26 -19.57 -5.51 10.02
C THR A 26 -18.23 -4.99 9.54
N LEU A 27 -17.77 -5.49 8.40
CA LEU A 27 -16.58 -4.97 7.74
C LEU A 27 -16.72 -5.15 6.25
N ASN A 28 -15.75 -4.61 5.51
CA ASN A 28 -15.80 -4.59 4.05
C ASN A 28 -15.25 -5.88 3.46
N GLY A 29 -15.74 -6.22 2.28
CA GLY A 29 -15.26 -7.39 1.57
C GLY A 29 -15.13 -7.08 0.09
N LEU A 30 -14.26 -7.84 -0.57
CA LEU A 30 -14.01 -7.71 -2.00
C LEU A 30 -14.66 -8.88 -2.72
N TRP A 31 -15.38 -8.58 -3.81
CA TRP A 31 -16.24 -9.53 -4.49
C TRP A 31 -15.81 -9.65 -5.96
N LEU A 32 -15.00 -10.66 -6.24
CA LEU A 32 -14.57 -10.98 -7.60
C LEU A 32 -15.14 -12.34 -8.00
N ASP A 33 -15.74 -12.40 -9.20
CA ASP A 33 -16.41 -13.62 -9.63
C ASP A 33 -17.38 -14.07 -8.54
N ASP A 34 -17.41 -15.37 -8.21
CA ASP A 34 -18.35 -15.87 -7.20
C ASP A 34 -17.67 -16.12 -5.86
N VAL A 35 -16.74 -15.27 -5.45
CA VAL A 35 -16.09 -15.35 -4.15
C VAL A 35 -16.01 -13.96 -3.53
N VAL A 36 -16.34 -13.86 -2.26
CA VAL A 36 -16.20 -12.63 -1.48
C VAL A 36 -15.01 -12.81 -0.53
N TYR A 37 -14.09 -11.85 -0.54
CA TYR A 37 -12.89 -11.88 0.27
C TYR A 37 -13.02 -10.86 1.39
N CYS A 38 -12.82 -11.29 2.63
CA CYS A 38 -12.90 -10.42 3.80
C CYS A 38 -11.91 -10.92 4.84
N PRO A 39 -11.57 -10.10 5.83
CA PRO A 39 -10.70 -10.56 6.93
C PRO A 39 -11.41 -11.61 7.78
N ARG A 40 -10.64 -12.60 8.23
CA ARG A 40 -11.26 -13.66 9.02
C ARG A 40 -11.65 -13.21 10.42
N HIS A 41 -11.18 -12.04 10.88
CA HIS A 41 -11.57 -11.56 12.19
C HIS A 41 -12.94 -10.90 12.20
N VAL A 42 -13.74 -11.13 11.15
CA VAL A 42 -15.13 -10.74 11.17
C VAL A 42 -15.91 -11.58 12.16
N ILE A 43 -15.40 -12.76 12.52
CA ILE A 43 -16.12 -13.69 13.37
C ILE A 43 -15.76 -13.56 14.84
N CYS A 44 -14.91 -12.60 15.20
CA CYS A 44 -14.53 -12.41 16.59
C CYS A 44 -15.55 -11.54 17.31
N THR A 45 -15.95 -11.96 18.51
CA THR A 45 -16.90 -11.19 19.31
C THR A 45 -16.14 -10.19 20.16
N SER A 46 -16.83 -9.56 21.11
CA SER A 46 -16.24 -8.44 21.84
C SER A 46 -15.04 -8.87 22.68
N GLU A 47 -15.14 -10.03 23.33
CA GLU A 47 -14.09 -10.50 24.22
C GLU A 47 -13.13 -11.48 23.55
N ASP A 48 -13.27 -11.69 22.24
CA ASP A 48 -12.43 -12.67 21.55
C ASP A 48 -11.20 -12.07 20.90
N MET A 49 -11.10 -10.75 20.88
CA MET A 49 -10.04 -10.10 20.10
C MET A 49 -8.65 -10.30 20.70
N LEU A 50 -8.54 -10.78 21.94
CA LEU A 50 -7.23 -10.87 22.57
C LEU A 50 -6.50 -12.14 22.14
N ASN A 51 -7.19 -13.28 22.15
CA ASN A 51 -6.57 -14.57 21.82
C ASN A 51 -7.61 -15.50 21.23
N PRO A 52 -8.00 -15.27 19.99
CA PRO A 52 -8.98 -16.15 19.34
C PRO A 52 -8.34 -17.37 18.69
N ASN A 53 -9.05 -18.49 18.77
CA ASN A 53 -8.71 -19.71 18.03
C ASN A 53 -9.64 -19.75 16.82
N TYR A 54 -9.17 -19.24 15.68
CA TYR A 54 -10.08 -19.02 14.56
C TYR A 54 -10.64 -20.33 14.02
N GLU A 55 -9.87 -21.42 14.07
CA GLU A 55 -10.40 -22.71 13.65
C GLU A 55 -11.63 -23.09 14.49
N ASP A 56 -11.52 -22.97 15.81
CA ASP A 56 -12.64 -23.34 16.67
C ASP A 56 -13.85 -22.43 16.43
N LEU A 57 -13.63 -21.12 16.37
CA LEU A 57 -14.73 -20.18 16.14
C LEU A 57 -15.41 -20.44 14.80
N LEU A 58 -14.75 -21.14 13.89
CA LEU A 58 -15.35 -21.44 12.59
C LEU A 58 -16.34 -22.60 12.67
N ILE A 59 -16.04 -23.58 13.54
CA ILE A 59 -16.93 -24.74 13.67
C ILE A 59 -18.35 -24.29 13.92
N ARG A 60 -18.52 -23.32 14.82
CA ARG A 60 -19.84 -22.82 15.20
C ARG A 60 -20.47 -21.90 14.13
N LYS A 61 -19.87 -21.77 12.95
CA LYS A 61 -20.34 -20.88 11.91
C LYS A 61 -20.67 -21.68 10.67
N SER A 62 -21.81 -21.34 10.06
CA SER A 62 -22.28 -21.96 8.83
C SER A 62 -22.48 -20.88 7.76
N ASN A 63 -22.91 -21.31 6.57
CA ASN A 63 -23.04 -20.39 5.44
C ASN A 63 -24.00 -19.25 5.77
N HIS A 64 -25.17 -19.56 6.30
CA HIS A 64 -26.17 -18.53 6.52
C HIS A 64 -25.80 -17.55 7.63
N ASN A 65 -24.70 -17.79 8.35
CA ASN A 65 -24.25 -16.82 9.35
C ASN A 65 -23.61 -15.60 8.71
N PHE A 66 -22.93 -15.78 7.58
CA PHE A 66 -22.29 -14.67 6.88
C PHE A 66 -23.31 -14.03 5.95
N LEU A 67 -23.66 -12.78 6.23
CA LEU A 67 -24.60 -12.02 5.41
C LEU A 67 -23.82 -11.00 4.59
N VAL A 68 -23.90 -11.14 3.27
CA VAL A 68 -23.17 -10.30 2.33
C VAL A 68 -24.18 -9.42 1.59
N GLN A 69 -24.02 -8.11 1.74
CA GLN A 69 -24.85 -7.12 1.09
C GLN A 69 -24.07 -6.42 -0.02
N ALA A 70 -24.53 -6.60 -1.26
CA ALA A 70 -23.93 -5.94 -2.42
C ALA A 70 -24.76 -4.70 -2.74
N GLY A 71 -24.14 -3.53 -2.70
CA GLY A 71 -24.92 -2.32 -2.78
C GLY A 71 -26.06 -2.37 -1.78
N ASN A 72 -27.28 -2.62 -2.24
CA ASN A 72 -28.41 -2.82 -1.36
C ASN A 72 -29.03 -4.22 -1.48
N VAL A 73 -28.42 -5.11 -2.25
CA VAL A 73 -28.98 -6.41 -2.47
C VAL A 73 -28.22 -7.44 -1.63
N GLN A 74 -28.86 -8.62 -1.49
CA GLN A 74 -28.31 -9.71 -0.72
C GLN A 74 -27.69 -10.77 -1.64
N LEU A 75 -26.51 -11.23 -1.26
CA LEU A 75 -25.84 -12.34 -1.92
C LEU A 75 -26.02 -13.61 -1.12
N ARG A 76 -26.30 -14.70 -1.82
CA ARG A 76 -26.53 -16.01 -1.21
C ARG A 76 -25.20 -16.74 -1.08
N VAL A 77 -24.88 -17.17 0.14
CA VAL A 77 -23.61 -17.79 0.47
C VAL A 77 -23.78 -19.30 0.40
N ILE A 78 -22.92 -19.97 -0.37
CA ILE A 78 -23.03 -21.41 -0.59
C ILE A 78 -21.76 -22.16 -0.27
N GLY A 79 -20.69 -21.48 0.14
CA GLY A 79 -19.47 -22.14 0.53
C GLY A 79 -18.51 -21.18 1.21
N HIS A 80 -17.73 -21.69 2.15
CA HIS A 80 -16.77 -20.86 2.84
C HIS A 80 -15.60 -21.71 3.36
N SER A 81 -14.45 -21.06 3.45
CA SER A 81 -13.23 -21.69 3.93
C SER A 81 -12.32 -20.59 4.46
N MET A 82 -11.29 -21.00 5.18
CA MET A 82 -10.33 -20.07 5.78
C MET A 82 -8.96 -20.30 5.14
N GLN A 83 -8.49 -19.31 4.39
CA GLN A 83 -7.14 -19.31 3.84
C GLN A 83 -6.32 -18.28 4.61
N ASN A 84 -5.33 -18.73 5.37
CA ASN A 84 -4.54 -17.85 6.20
C ASN A 84 -5.45 -16.91 6.99
N CYS A 85 -5.31 -15.59 6.83
CA CYS A 85 -6.09 -14.67 7.65
C CYS A 85 -7.28 -14.05 6.93
N VAL A 86 -7.69 -14.60 5.79
CA VAL A 86 -8.88 -14.12 5.09
C VAL A 86 -9.87 -15.27 4.94
N LEU A 87 -11.13 -14.91 4.82
CA LEU A 87 -12.18 -15.87 4.53
C LEU A 87 -12.53 -15.76 3.05
N LYS A 88 -12.99 -16.87 2.49
CA LYS A 88 -13.39 -16.94 1.10
C LYS A 88 -14.81 -17.46 1.08
N LEU A 89 -15.78 -16.57 0.84
CA LEU A 89 -17.20 -16.89 0.85
C LEU A 89 -17.68 -17.07 -0.58
N LYS A 90 -17.97 -18.31 -0.95
CA LYS A 90 -18.50 -18.59 -2.29
C LYS A 90 -19.97 -18.21 -2.33
N VAL A 91 -20.29 -17.24 -3.19
CA VAL A 91 -21.67 -16.83 -3.39
C VAL A 91 -22.17 -17.44 -4.68
N ASP A 92 -23.48 -17.37 -4.89
CA ASP A 92 -24.11 -18.04 -6.02
C ASP A 92 -24.22 -17.16 -7.26
N THR A 93 -23.76 -15.92 -7.20
CA THR A 93 -23.84 -15.00 -8.34
C THR A 93 -22.47 -14.42 -8.62
N ALA A 94 -21.94 -14.66 -9.82
CA ALA A 94 -20.74 -13.98 -10.26
C ALA A 94 -21.00 -12.49 -10.33
N ASN A 95 -19.98 -11.70 -9.98
CA ASN A 95 -20.10 -10.25 -10.04
C ASN A 95 -20.08 -9.78 -11.49
N PRO A 96 -21.12 -9.09 -11.97
CA PRO A 96 -21.07 -8.60 -13.37
C PRO A 96 -19.99 -7.58 -13.61
N LYS A 97 -19.41 -7.00 -12.56
CA LYS A 97 -18.42 -5.93 -12.70
C LYS A 97 -17.01 -6.40 -12.37
N THR A 98 -16.76 -7.70 -12.37
CA THR A 98 -15.43 -8.19 -12.08
C THR A 98 -14.43 -7.72 -13.13
N PRO A 99 -13.48 -6.85 -12.80
CA PRO A 99 -12.48 -6.44 -13.79
C PRO A 99 -11.43 -7.54 -13.95
N LYS A 100 -10.58 -7.36 -14.97
CA LYS A 100 -9.45 -8.26 -15.14
C LYS A 100 -8.55 -8.04 -13.92
N TYR A 101 -8.42 -9.04 -13.06
CA TYR A 101 -7.73 -8.88 -11.79
C TYR A 101 -6.66 -9.95 -11.62
N LYS A 102 -5.75 -9.67 -10.69
CA LYS A 102 -4.67 -10.58 -10.33
C LYS A 102 -4.37 -10.33 -8.87
N PHE A 103 -3.93 -11.38 -8.17
CA PHE A 103 -3.49 -11.28 -6.79
C PHE A 103 -1.98 -11.25 -6.79
N VAL A 104 -1.39 -10.22 -6.20
CA VAL A 104 0.06 -10.01 -6.23
C VAL A 104 0.53 -9.65 -4.84
N ARG A 105 1.63 -10.24 -4.41
CA ARG A 105 2.28 -9.88 -3.16
C ARG A 105 3.39 -8.90 -3.51
N ILE A 106 3.21 -7.63 -3.12
CA ILE A 106 4.18 -6.59 -3.44
C ILE A 106 5.31 -6.59 -2.41
N GLN A 107 6.44 -5.95 -2.79
CA GLN A 107 7.67 -5.89 -2.02
C GLN A 107 7.77 -4.57 -1.28
N PRO A 108 8.47 -4.55 -0.15
CA PRO A 108 8.66 -3.30 0.59
C PRO A 108 9.30 -2.25 -0.29
N GLY A 109 8.75 -1.04 -0.27
CA GLY A 109 9.17 0.07 -1.11
C GLY A 109 8.21 0.38 -2.24
N GLN A 110 7.46 -0.62 -2.72
CA GLN A 110 6.45 -0.39 -3.74
C GLN A 110 5.25 0.36 -3.17
N THR A 111 4.49 0.98 -4.09
CA THR A 111 3.36 1.81 -3.73
C THR A 111 2.08 1.23 -4.35
N PHE A 112 0.94 1.63 -3.78
CA PHE A 112 -0.36 1.21 -4.31
C PHE A 112 -1.40 2.22 -3.88
N SER A 113 -2.59 2.08 -4.44
CA SER A 113 -3.73 2.95 -4.16
C SER A 113 -4.67 2.20 -3.22
N VAL A 114 -5.20 2.92 -2.24
CA VAL A 114 -6.08 2.36 -1.21
C VAL A 114 -7.44 3.02 -1.33
N LEU A 115 -8.48 2.21 -1.50
CA LEU A 115 -9.86 2.71 -1.53
C LEU A 115 -10.46 2.43 -0.15
N ALA A 116 -10.54 3.49 0.67
CA ALA A 116 -11.07 3.36 2.02
C ALA A 116 -12.58 3.26 1.96
N CYS A 117 -13.14 2.28 2.68
CA CYS A 117 -14.58 2.05 2.68
C CYS A 117 -15.07 1.80 4.09
N TYR A 118 -16.40 1.95 4.27
CA TYR A 118 -17.09 1.66 5.52
C TYR A 118 -18.47 1.12 5.18
N ASN A 119 -18.79 -0.05 5.71
CA ASN A 119 -20.06 -0.72 5.45
C ASN A 119 -20.23 -1.02 3.96
N GLY A 120 -19.12 -1.41 3.32
CA GLY A 120 -19.13 -1.81 1.92
C GLY A 120 -19.29 -0.70 0.91
N SER A 121 -19.18 0.57 1.35
CA SER A 121 -19.36 1.70 0.47
C SER A 121 -18.10 2.57 0.48
N PRO A 122 -17.66 3.06 -0.68
CA PRO A 122 -16.38 3.80 -0.71
C PRO A 122 -16.50 5.16 -0.04
N SER A 123 -15.40 5.57 0.59
CA SER A 123 -15.25 6.89 1.21
C SER A 123 -14.20 7.75 0.52
N GLY A 124 -13.13 7.16 0.01
CA GLY A 124 -12.12 7.94 -0.69
C GLY A 124 -10.95 7.08 -1.09
N VAL A 125 -9.90 7.74 -1.57
CA VAL A 125 -8.79 7.07 -2.22
C VAL A 125 -7.52 7.87 -1.97
N TYR A 126 -6.43 7.15 -1.66
CA TYR A 126 -5.13 7.78 -1.44
C TYR A 126 -4.03 6.81 -1.81
N GLN A 127 -2.83 7.36 -2.02
CA GLN A 127 -1.66 6.61 -2.44
C GLN A 127 -0.80 6.29 -1.23
N CYS A 128 -0.43 5.02 -1.09
CA CYS A 128 0.36 4.54 0.04
C CYS A 128 1.60 3.80 -0.45
N ALA A 129 2.50 3.54 0.49
CA ALA A 129 3.70 2.75 0.22
C ALA A 129 3.88 1.72 1.33
N MET A 130 4.41 0.56 0.96
CA MET A 130 4.71 -0.50 1.92
C MET A 130 6.05 -0.16 2.57
N ARG A 131 6.00 0.39 3.79
CA ARG A 131 7.24 0.77 4.47
C ARG A 131 8.20 -0.42 4.60
N PRO A 132 9.49 -0.15 4.75
CA PRO A 132 10.44 -1.26 4.92
C PRO A 132 10.11 -2.17 6.10
N ASN A 133 9.43 -1.66 7.13
CA ASN A 133 8.99 -2.43 8.27
C ASN A 133 7.62 -3.06 8.04
N PHE A 134 7.16 -3.10 6.80
CA PHE A 134 5.94 -3.81 6.41
C PHE A 134 4.69 -3.24 7.08
N THR A 135 4.70 -1.94 7.36
CA THR A 135 3.52 -1.20 7.78
C THR A 135 3.23 -0.14 6.73
N ILE A 136 2.02 0.41 6.75
CA ILE A 136 1.67 1.53 5.90
C ILE A 136 1.12 2.67 6.76
N LYS A 137 1.39 3.90 6.34
CA LYS A 137 0.87 5.10 7.00
C LYS A 137 -0.34 5.55 6.17
N GLY A 138 -1.53 5.18 6.63
CA GLY A 138 -2.74 5.48 5.90
C GLY A 138 -3.80 6.14 6.77
N SER A 139 -5.06 6.07 6.34
CA SER A 139 -6.18 6.69 7.06
C SER A 139 -7.30 5.67 7.16
N PHE A 140 -7.36 4.99 8.30
CA PHE A 140 -8.41 3.97 8.53
C PHE A 140 -9.10 4.19 9.88
N LEU A 141 -10.41 4.30 9.85
CA LEU A 141 -11.24 4.38 11.05
C LEU A 141 -11.88 3.03 11.30
N ASN A 142 -12.49 2.88 12.48
CA ASN A 142 -13.11 1.62 12.85
C ASN A 142 -14.15 1.21 11.80
N GLY A 143 -14.04 -0.02 11.33
CA GLY A 143 -14.89 -0.53 10.27
C GLY A 143 -14.30 -0.47 8.88
N SER A 144 -13.15 0.19 8.71
CA SER A 144 -12.50 0.20 7.41
C SER A 144 -11.87 -1.14 7.06
N CYS A 145 -11.78 -2.07 8.01
N CYS A 145 -11.78 -2.07 8.01
CA CYS A 145 -11.21 -3.38 7.72
CA CYS A 145 -11.22 -3.38 7.73
C CYS A 145 -11.86 -3.97 6.48
C CYS A 145 -11.86 -3.97 6.48
N GLY A 146 -11.03 -4.61 5.64
CA GLY A 146 -11.46 -5.12 4.37
C GLY A 146 -11.20 -4.21 3.19
N SER A 147 -11.01 -2.92 3.43
CA SER A 147 -10.52 -2.03 2.39
C SER A 147 -9.26 -2.62 1.75
N VAL A 148 -9.11 -2.41 0.43
CA VAL A 148 -8.06 -3.06 -0.32
C VAL A 148 -7.14 -2.04 -0.96
N GLY A 149 -5.90 -2.47 -1.21
CA GLY A 149 -4.94 -1.71 -1.99
C GLY A 149 -4.69 -2.41 -3.31
N PHE A 150 -4.36 -1.63 -4.32
CA PHE A 150 -4.24 -2.17 -5.66
C PHE A 150 -3.40 -1.24 -6.53
N ASN A 151 -2.94 -1.80 -7.64
CA ASN A 151 -2.36 -1.05 -8.75
C ASN A 151 -3.16 -1.36 -10.00
N ILE A 152 -3.25 -0.37 -10.89
CA ILE A 152 -3.94 -0.51 -12.17
C ILE A 152 -2.93 -0.31 -13.28
N ASP A 153 -2.74 -1.34 -14.10
CA ASP A 153 -1.90 -1.28 -15.28
C ASP A 153 -2.73 -1.74 -16.48
N TYR A 154 -2.85 -0.88 -17.50
CA TYR A 154 -3.61 -1.20 -18.70
C TYR A 154 -5.05 -1.35 -18.24
N ASP A 155 -5.69 -2.52 -18.38
CA ASP A 155 -7.06 -2.72 -17.89
C ASP A 155 -7.10 -3.70 -16.72
N CYS A 156 -5.95 -4.05 -16.16
CA CYS A 156 -5.83 -5.14 -15.19
C CYS A 156 -5.56 -4.56 -13.80
N VAL A 157 -6.37 -5.00 -12.84
CA VAL A 157 -6.25 -4.58 -11.44
C VAL A 157 -5.45 -5.64 -10.70
N SER A 158 -4.32 -5.24 -10.11
CA SER A 158 -3.48 -6.14 -9.33
C SER A 158 -3.68 -5.83 -7.86
N PHE A 159 -4.53 -6.60 -7.19
CA PHE A 159 -4.80 -6.41 -5.79
C PHE A 159 -3.64 -6.90 -4.95
N CYS A 160 -3.18 -6.07 -4.00
CA CYS A 160 -2.01 -6.40 -3.21
C CYS A 160 -2.17 -6.20 -1.71
N TYR A 161 -3.26 -5.62 -1.24
CA TYR A 161 -3.37 -5.35 0.20
C TYR A 161 -4.83 -5.42 0.65
N MET A 162 -5.05 -6.05 1.80
CA MET A 162 -6.32 -5.98 2.51
C MET A 162 -6.05 -5.52 3.93
N HIS A 163 -6.73 -4.47 4.38
CA HIS A 163 -6.42 -3.90 5.67
C HIS A 163 -7.05 -4.72 6.80
N HIS A 164 -6.28 -4.99 7.83
CA HIS A 164 -6.73 -5.76 8.98
C HIS A 164 -6.72 -4.97 10.29
N MET A 165 -5.69 -4.18 10.55
CA MET A 165 -5.65 -3.57 11.86
C MET A 165 -4.79 -2.32 11.94
N GLU A 166 -5.07 -1.55 12.98
CA GLU A 166 -4.23 -0.46 13.44
C GLU A 166 -3.43 -0.90 14.66
N LEU A 167 -2.18 -0.51 14.70
CA LEU A 167 -1.32 -0.86 15.82
C LEU A 167 -1.39 0.20 16.90
N PRO A 168 -0.98 -0.12 18.13
CA PRO A 168 -1.02 0.90 19.19
C PRO A 168 -0.23 2.16 18.85
N THR A 169 0.60 2.12 17.82
CA THR A 169 1.44 3.25 17.41
C THR A 169 0.78 4.11 16.35
N GLY A 170 -0.45 3.81 15.95
CA GLY A 170 -1.15 4.61 14.97
C GLY A 170 -0.86 4.30 13.52
N VAL A 171 -0.08 3.26 13.23
CA VAL A 171 0.19 2.84 11.86
C VAL A 171 -0.67 1.62 11.57
N HIS A 172 -0.61 1.16 10.34
CA HIS A 172 -1.53 0.11 9.84
C HIS A 172 -0.83 -1.14 9.30
N ALA A 173 -1.46 -2.27 9.53
CA ALA A 173 -0.93 -3.57 9.11
C ALA A 173 -2.04 -4.36 8.45
N GLY A 174 -1.66 -5.15 7.47
CA GLY A 174 -2.61 -5.94 6.74
C GLY A 174 -1.95 -7.07 6.00
N THR A 175 -2.71 -7.67 5.09
CA THR A 175 -2.32 -8.89 4.39
C THR A 175 -2.37 -8.67 2.89
N ASP A 176 -1.89 -9.68 2.15
CA ASP A 176 -2.14 -9.77 0.72
C ASP A 176 -3.48 -10.48 0.54
N LEU A 177 -3.86 -10.73 -0.71
CA LEU A 177 -5.15 -11.35 -0.98
C LEU A 177 -5.14 -12.86 -0.82
N GLU A 178 -4.02 -13.45 -0.43
CA GLU A 178 -3.99 -14.84 -0.01
C GLU A 178 -4.04 -14.97 1.50
N GLY A 179 -4.12 -13.86 2.22
CA GLY A 179 -4.28 -13.86 3.66
C GLY A 179 -3.01 -13.82 4.48
N ASN A 180 -1.85 -13.67 3.83
CA ASN A 180 -0.58 -13.64 4.55
C ASN A 180 -0.23 -12.21 4.95
N PHE A 181 0.02 -12.02 6.24
CA PHE A 181 0.35 -10.68 6.73
C PHE A 181 1.67 -10.21 6.15
N TYR A 182 1.69 -8.94 5.78
CA TYR A 182 2.95 -8.24 5.54
C TYR A 182 3.62 -7.98 6.89
N GLY A 183 4.84 -8.48 7.04
CA GLY A 183 5.59 -8.29 8.26
C GLY A 183 5.24 -9.35 9.29
N PRO A 184 5.75 -9.19 10.54
CA PRO A 184 5.50 -10.16 11.61
C PRO A 184 4.24 -9.81 12.43
N PHE A 185 3.13 -9.58 11.76
CA PHE A 185 1.93 -9.14 12.42
C PHE A 185 0.86 -10.24 12.34
N VAL A 186 0.05 -10.30 13.39
CA VAL A 186 -1.00 -11.31 13.53
C VAL A 186 -2.31 -10.59 13.79
N ASP A 187 -3.42 -11.25 13.44
CA ASP A 187 -4.75 -10.67 13.67
C ASP A 187 -5.21 -11.01 15.10
N ARG A 188 -4.48 -10.42 16.05
CA ARG A 188 -4.78 -10.53 17.46
C ARG A 188 -4.58 -9.16 18.10
N GLN A 189 -5.23 -8.94 19.23
CA GLN A 189 -5.04 -7.71 19.99
C GLN A 189 -3.97 -7.95 21.05
N THR A 190 -2.77 -8.18 20.56
CA THR A 190 -1.61 -8.44 21.40
C THR A 190 -0.60 -7.30 21.30
N ALA A 191 0.51 -7.44 22.01
CA ALA A 191 1.58 -6.46 21.97
C ALA A 191 2.47 -6.76 20.75
N GLN A 192 2.28 -6.01 19.68
CA GLN A 192 3.12 -6.10 18.49
C GLN A 192 3.51 -4.70 18.07
N ALA A 193 4.80 -4.48 17.88
CA ALA A 193 5.33 -3.18 17.52
C ALA A 193 6.07 -3.27 16.19
N ALA A 194 5.94 -2.22 15.38
CA ALA A 194 6.70 -2.14 14.15
C ALA A 194 8.15 -1.75 14.45
N GLY A 195 9.06 -2.25 13.62
CA GLY A 195 10.47 -1.98 13.79
C GLY A 195 10.84 -0.58 13.32
N THR A 196 12.13 -0.41 13.05
CA THR A 196 12.64 0.87 12.57
C THR A 196 12.07 1.16 11.19
N ASP A 197 11.46 2.33 11.03
CA ASP A 197 10.93 2.75 9.74
C ASP A 197 12.02 3.52 9.00
N THR A 198 12.81 2.79 8.22
CA THR A 198 13.85 3.40 7.40
C THR A 198 13.25 4.01 6.14
N THR A 199 14.05 4.85 5.48
CA THR A 199 13.59 5.58 4.30
C THR A 199 13.93 4.82 3.02
N ILE A 200 13.00 4.85 2.06
CA ILE A 200 13.17 4.20 0.76
C ILE A 200 14.08 5.10 -0.08
N THR A 201 15.36 4.77 -0.11
CA THR A 201 16.34 5.65 -0.75
C THR A 201 16.08 5.78 -2.24
N VAL A 202 15.83 4.66 -2.91
CA VAL A 202 15.59 4.73 -4.34
C VAL A 202 14.40 5.62 -4.65
N ASN A 203 13.41 5.64 -3.75
CA ASN A 203 12.25 6.48 -3.97
C ASN A 203 12.53 7.96 -3.74
N VAL A 204 13.45 8.29 -2.82
CA VAL A 204 13.80 9.70 -2.62
C VAL A 204 14.50 10.25 -3.85
N LEU A 205 15.40 9.45 -4.45
CA LEU A 205 16.10 9.88 -5.65
C LEU A 205 15.12 10.11 -6.80
N ALA A 206 14.18 9.16 -6.99
CA ALA A 206 13.20 9.31 -8.04
C ALA A 206 12.42 10.62 -7.88
N TRP A 207 12.08 10.96 -6.64
CA TRP A 207 11.38 12.21 -6.37
C TRP A 207 12.27 13.42 -6.64
N LEU A 208 13.57 13.31 -6.38
CA LEU A 208 14.47 14.41 -6.70
C LEU A 208 14.56 14.62 -8.22
N TYR A 209 14.58 13.52 -8.98
CA TYR A 209 14.52 13.64 -10.44
C TYR A 209 13.23 14.33 -10.87
N ALA A 210 12.08 13.88 -10.33
CA ALA A 210 10.81 14.53 -10.66
C ALA A 210 10.88 16.02 -10.38
N ALA A 211 11.58 16.41 -9.31
CA ALA A 211 11.72 17.83 -9.00
C ALA A 211 12.49 18.57 -10.08
N VAL A 212 13.62 18.01 -10.51
CA VAL A 212 14.41 18.64 -11.57
C VAL A 212 13.54 18.88 -12.79
N ILE A 213 12.70 17.90 -13.16
CA ILE A 213 11.86 18.04 -14.34
C ILE A 213 10.91 19.21 -14.19
N ASN A 214 10.43 19.44 -12.96
CA ASN A 214 9.40 20.42 -12.70
C ASN A 214 9.95 21.79 -12.32
N GLY A 215 11.24 22.01 -12.50
CA GLY A 215 11.81 23.34 -12.40
C GLY A 215 12.58 23.62 -11.13
N ASP A 216 12.52 22.74 -10.14
CA ASP A 216 13.26 22.91 -8.89
C ASP A 216 14.63 22.28 -9.03
N ARG A 217 15.67 23.12 -9.19
N ARG A 217 15.67 23.12 -9.17
CA ARG A 217 17.02 22.66 -9.41
CA ARG A 217 17.03 22.64 -9.40
C ARG A 217 18.01 23.21 -8.38
C ARG A 217 18.02 23.20 -8.37
N TRP A 218 17.53 23.81 -7.30
CA TRP A 218 18.43 24.39 -6.31
C TRP A 218 19.26 23.36 -5.57
N PHE A 219 18.80 22.12 -5.46
CA PHE A 219 19.51 21.10 -4.69
C PHE A 219 20.61 20.42 -5.50
N LEU A 220 20.78 20.76 -6.78
CA LEU A 220 21.83 20.17 -7.60
C LEU A 220 23.17 20.85 -7.29
N ASN A 221 24.20 20.03 -7.10
CA ASN A 221 25.47 20.50 -6.58
C ASN A 221 26.60 20.14 -7.53
N ARG A 222 27.79 20.58 -7.17
CA ARG A 222 29.00 20.35 -7.94
C ARG A 222 29.77 19.13 -7.48
N PHE A 223 29.21 18.33 -6.59
CA PHE A 223 29.88 17.14 -6.11
C PHE A 223 29.35 15.89 -6.80
N THR A 224 30.06 14.79 -6.58
CA THR A 224 29.58 13.46 -6.92
C THR A 224 29.97 12.56 -5.76
N THR A 225 29.77 11.25 -5.90
CA THR A 225 30.15 10.32 -4.83
C THR A 225 30.12 8.90 -5.39
N THR A 226 30.43 7.95 -4.52
CA THR A 226 30.39 6.53 -4.85
C THR A 226 29.32 5.84 -4.02
N LEU A 227 28.90 4.67 -4.49
CA LEU A 227 27.84 3.94 -3.79
C LEU A 227 28.24 3.63 -2.36
N ASN A 228 29.40 2.98 -2.17
CA ASN A 228 29.82 2.62 -0.82
C ASN A 228 29.88 3.83 0.09
N ASP A 229 30.41 4.95 -0.41
CA ASP A 229 30.53 6.14 0.42
C ASP A 229 29.18 6.78 0.68
N PHE A 230 28.25 6.71 -0.28
CA PHE A 230 26.92 7.25 -0.05
C PHE A 230 26.15 6.40 0.95
N ASN A 231 26.24 5.08 0.82
CA ASN A 231 25.59 4.20 1.79
C ASN A 231 26.08 4.45 3.20
N LEU A 232 27.32 4.92 3.38
CA LEU A 232 27.78 5.10 4.76
C LEU A 232 27.06 6.31 5.37
N VAL A 233 26.67 7.30 4.55
CA VAL A 233 25.82 8.39 5.04
C VAL A 233 24.37 7.93 5.21
N ALA A 234 23.89 7.06 4.31
CA ALA A 234 22.52 6.56 4.43
C ALA A 234 22.32 5.81 5.73
N MET A 235 23.26 4.94 6.09
CA MET A 235 23.09 4.16 7.32
C MET A 235 22.98 5.07 8.54
N LYS A 236 23.82 6.12 8.60
CA LYS A 236 23.76 7.04 9.72
C LYS A 236 22.39 7.68 9.84
N TYR A 237 21.69 7.88 8.72
CA TYR A 237 20.38 8.52 8.69
C TYR A 237 19.25 7.51 8.50
N ASN A 238 19.50 6.25 8.79
CA ASN A 238 18.51 5.18 8.67
C ASN A 238 17.83 5.22 7.30
N TYR A 239 18.65 5.18 6.26
CA TYR A 239 18.20 5.10 4.88
C TYR A 239 18.47 3.69 4.35
N GLU A 240 17.52 3.16 3.60
N GLU A 240 17.51 3.16 3.61
CA GLU A 240 17.67 1.83 3.03
CA GLU A 240 17.66 1.84 3.01
C GLU A 240 18.91 1.77 2.14
C GLU A 240 18.94 1.78 2.16
N PRO A 241 19.71 0.70 2.24
CA PRO A 241 20.95 0.64 1.45
C PRO A 241 20.63 0.61 -0.04
N LEU A 242 21.30 1.47 -0.80
CA LEU A 242 21.07 1.59 -2.23
C LEU A 242 21.97 0.61 -2.97
N THR A 243 21.36 -0.25 -3.78
CA THR A 243 22.07 -1.30 -4.52
C THR A 243 22.20 -0.89 -5.98
N GLN A 244 22.82 -1.76 -6.78
CA GLN A 244 23.00 -1.46 -8.19
C GLN A 244 21.71 -1.62 -8.98
N ASP A 245 20.87 -2.58 -8.59
CA ASP A 245 19.56 -2.70 -9.24
C ASP A 245 18.80 -1.39 -9.14
N HIS A 246 18.76 -0.79 -7.94
CA HIS A 246 18.16 0.53 -7.78
C HIS A 246 18.74 1.52 -8.78
N VAL A 247 20.06 1.53 -8.91
CA VAL A 247 20.69 2.44 -9.86
C VAL A 247 20.17 2.17 -11.27
N ASP A 248 20.09 0.89 -11.65
CA ASP A 248 19.60 0.55 -12.99
C ASP A 248 18.16 1.00 -13.18
N ILE A 249 17.34 0.89 -12.14
CA ILE A 249 15.94 1.29 -12.24
C ILE A 249 15.85 2.79 -12.49
N LEU A 250 16.81 3.56 -12.00
CA LEU A 250 16.80 5.01 -12.17
C LEU A 250 17.36 5.46 -13.51
N GLY A 251 17.79 4.52 -14.34
CA GLY A 251 18.39 4.86 -15.61
C GLY A 251 17.52 5.77 -16.45
N PRO A 252 16.31 5.31 -16.76
CA PRO A 252 15.41 6.13 -17.60
C PRO A 252 15.26 7.57 -17.10
N LEU A 253 15.14 7.77 -15.79
CA LEU A 253 15.10 9.13 -15.27
C LEU A 253 16.46 9.80 -15.42
N SER A 254 17.54 9.06 -15.20
CA SER A 254 18.88 9.62 -15.33
C SER A 254 19.15 10.06 -16.77
N ALA A 255 18.65 9.31 -17.76
CA ALA A 255 18.89 9.66 -19.15
C ALA A 255 18.03 10.85 -19.58
N GLN A 256 16.81 10.96 -19.05
CA GLN A 256 15.93 12.04 -19.46
C GLN A 256 16.36 13.40 -18.92
N THR A 257 17.21 13.42 -17.89
CA THR A 257 17.67 14.68 -17.31
C THR A 257 19.14 14.97 -17.57
N GLY A 258 19.89 14.04 -18.14
CA GLY A 258 21.31 14.22 -18.25
C GLY A 258 21.98 14.43 -16.91
N ILE A 259 21.58 13.66 -15.89
CA ILE A 259 22.20 13.72 -14.57
C ILE A 259 22.50 12.29 -14.14
N ALA A 260 23.78 11.98 -13.97
CA ALA A 260 24.17 10.68 -13.47
C ALA A 260 23.48 10.37 -12.15
N VAL A 261 23.24 9.09 -11.91
CA VAL A 261 22.61 8.70 -10.65
C VAL A 261 23.51 9.06 -9.47
N LEU A 262 24.82 8.93 -9.64
CA LEU A 262 25.73 9.18 -8.54
C LEU A 262 25.81 10.66 -8.20
N ASP A 263 25.75 11.53 -9.21
CA ASP A 263 25.68 12.97 -8.96
C ASP A 263 24.41 13.32 -8.19
N MET A 264 23.29 12.64 -8.48
CA MET A 264 22.09 12.85 -7.71
C MET A 264 22.22 12.29 -6.30
N CYS A 265 22.92 11.16 -6.15
CA CYS A 265 23.20 10.64 -4.81
C CYS A 265 24.04 11.61 -4.00
N ALA A 266 24.90 12.39 -4.67
CA ALA A 266 25.71 13.36 -3.96
C ALA A 266 24.87 14.53 -3.46
N SER A 267 23.86 14.95 -4.23
CA SER A 267 22.99 16.02 -3.78
C SER A 267 22.14 15.55 -2.60
N LEU A 268 21.67 14.31 -2.65
CA LEU A 268 20.92 13.78 -1.52
C LEU A 268 21.78 13.78 -0.26
N LYS A 269 23.00 13.26 -0.36
CA LYS A 269 23.89 13.28 0.79
C LYS A 269 24.00 14.67 1.41
N GLU A 270 24.09 15.69 0.57
CA GLU A 270 24.14 17.06 1.09
C GLU A 270 22.86 17.40 1.85
N LEU A 271 21.70 17.06 1.28
CA LEU A 271 20.45 17.31 1.98
C LEU A 271 20.44 16.61 3.33
N LEU A 272 21.02 15.41 3.42
CA LEU A 272 20.98 14.66 4.67
C LEU A 272 21.92 15.28 5.70
N GLN A 273 23.06 15.79 5.25
CA GLN A 273 24.05 16.34 6.16
C GLN A 273 23.81 17.79 6.49
N ASN A 274 23.15 18.55 5.61
CA ASN A 274 22.99 19.98 5.78
C ASN A 274 21.55 20.44 5.90
N GLY A 275 20.57 19.56 5.73
CA GLY A 275 19.17 19.96 5.75
C GLY A 275 18.79 20.81 4.55
N MET A 276 17.51 21.18 4.51
CA MET A 276 16.98 21.98 3.42
C MET A 276 17.06 23.48 3.69
N ASN A 277 17.48 23.89 4.89
CA ASN A 277 17.73 25.30 5.20
C ASN A 277 16.50 26.17 4.92
N GLY A 278 15.31 25.62 5.15
CA GLY A 278 14.09 26.37 4.90
C GLY A 278 13.67 26.45 3.45
N ARG A 279 14.38 25.63 2.55
CA ARG A 279 13.94 25.54 1.17
C ARG A 279 12.92 24.43 1.03
N THR A 280 12.12 24.53 -0.07
CA THR A 280 11.14 23.51 -0.38
C THR A 280 11.44 22.87 -1.73
N ILE A 281 11.23 21.56 -1.81
CA ILE A 281 11.36 20.82 -3.05
C ILE A 281 9.99 20.26 -3.40
N LEU A 282 9.47 20.65 -4.56
CA LEU A 282 8.13 20.26 -4.98
C LEU A 282 7.12 20.54 -3.88
N GLY A 283 7.24 21.73 -3.29
CA GLY A 283 6.27 22.18 -2.32
C GLY A 283 6.34 21.51 -0.98
N SER A 284 7.42 20.79 -0.68
CA SER A 284 7.52 20.05 0.57
C SER A 284 8.84 20.37 1.25
N ALA A 285 8.82 20.40 2.58
CA ALA A 285 9.97 20.78 3.38
C ALA A 285 10.75 19.59 3.89
N LEU A 286 10.37 18.37 3.48
CA LEU A 286 11.13 17.18 3.84
C LEU A 286 11.28 16.30 2.61
N LEU A 287 12.10 15.26 2.74
CA LEU A 287 12.41 14.39 1.61
C LEU A 287 11.32 13.33 1.49
N GLU A 288 10.64 13.29 0.34
CA GLU A 288 9.54 12.38 0.11
C GLU A 288 10.03 11.06 -0.45
N ASP A 289 9.55 9.96 0.11
CA ASP A 289 10.03 8.63 -0.27
C ASP A 289 8.87 7.67 -0.54
N GLU A 290 7.71 8.19 -0.96
CA GLU A 290 6.59 7.37 -1.35
C GLU A 290 6.29 7.49 -2.85
N PHE A 291 7.30 7.82 -3.65
CA PHE A 291 7.19 7.79 -5.10
C PHE A 291 8.24 6.82 -5.65
N THR A 292 7.79 5.80 -6.37
CA THR A 292 8.73 4.89 -7.01
C THR A 292 9.25 5.49 -8.30
N PRO A 293 10.35 4.95 -8.83
CA PRO A 293 10.76 5.37 -10.18
C PRO A 293 9.66 5.20 -11.22
N PHE A 294 8.86 4.13 -11.15
N PHE A 294 8.86 4.13 -11.15
CA PHE A 294 7.76 4.00 -12.10
CA PHE A 294 7.75 3.97 -12.07
C PHE A 294 6.66 5.01 -11.81
C PHE A 294 6.64 4.96 -11.80
N ASP A 295 6.42 5.33 -10.53
CA ASP A 295 5.44 6.35 -10.20
C ASP A 295 5.77 7.69 -10.85
N VAL A 296 7.05 8.08 -10.83
CA VAL A 296 7.46 9.36 -11.41
C VAL A 296 7.27 9.33 -12.93
N VAL A 297 7.80 8.29 -13.58
CA VAL A 297 7.64 8.17 -15.03
C VAL A 297 6.16 8.22 -15.40
N ARG A 298 5.33 7.43 -14.72
CA ARG A 298 3.89 7.43 -15.00
C ARG A 298 3.33 8.85 -15.04
N GLN A 299 3.64 9.65 -14.01
CA GLN A 299 3.05 10.98 -13.91
C GLN A 299 3.74 12.00 -14.81
N CYS A 300 5.03 11.82 -15.10
CA CYS A 300 5.76 12.74 -15.95
C CYS A 300 5.71 12.37 -17.43
N SER A 301 5.03 11.27 -17.77
CA SER A 301 4.80 10.90 -19.16
C SER A 301 3.32 10.78 -19.50
N GLY A 302 2.44 10.77 -18.50
CA GLY A 302 1.00 10.75 -18.74
C GLY A 302 0.46 9.40 -19.19
N VAL A 303 0.73 8.35 -18.43
CA VAL A 303 0.23 7.03 -18.73
C VAL A 303 -1.23 6.93 -18.30
N THR A 304 -2.05 6.27 -19.10
CA THR A 304 -3.49 6.19 -18.89
C THR A 304 -3.93 4.73 -18.95
N PHE A 305 -5.22 4.53 -18.67
CA PHE A 305 -5.80 3.18 -18.59
C PHE A 305 -7.16 3.10 -19.28
N10 S7H B . -11.57 -3.32 15.65
C11 S7H B . -12.92 -3.25 16.44
C12 S7H B . -12.86 -2.18 17.50
C13 S7H B . -11.56 -1.37 17.74
C18 S7H B . -8.25 -5.44 15.65
C19 S7H B . -7.86 -5.45 17.15
C20 S7H B . -6.98 -4.25 17.63
C02 S7H B . -9.03 -3.43 14.27
C04 S7H B . -9.62 -1.38 12.76
C05 S7H B . -10.29 -1.67 11.36
C06 S7H B . -10.39 -3.20 11.08
C08 S7H B . -11.24 -2.35 14.60
C15 S7H B . -10.57 -4.32 16.00
N03 S7H B . -9.97 -2.40 13.90
N17 S7H B . -9.31 -4.39 15.30
O01 S7H B . -7.94 -3.49 13.69
O07 S7H B . -11.58 -1.12 11.35
O09 S7H B . -12.05 -1.47 14.29
O14 S7H B . -11.92 -2.48 18.63
O16 S7H B . -10.83 -5.14 16.90
O21 S7H B . -8.40 -4.38 18.02
H112 S7H B . -13.15 -4.10 16.85
H111 S7H B . -13.68 -3.08 15.86
H121 S7H B . -13.64 -1.68 17.76
H131 S7H B . -11.63 -0.49 18.14
H132 S7H B . -10.79 -1.55 17.17
H181 S7H B . -7.46 -5.32 15.10
H182 S7H B . -8.54 -6.32 15.38
H191 S7H B . -7.75 -6.28 17.64
H202 S7H B . -6.79 -3.55 17.00
H201 S7H B . -6.35 -4.42 18.35
H041 S7H B . -9.85 -0.48 13.03
H042 S7H B . -8.66 -1.33 12.64
H051 S7H B . -9.74 -1.23 10.70
H061 S7H B . -10.64 -3.71 11.86
H062 S7H B . -9.54 -3.59 10.79
H1 S7H B . -11.53 -0.27 11.30
N10 RV8 C . -8.98 -4.35 15.11
C11 RV8 C . -7.89 -5.35 15.23
C12 RV8 C . -7.69 -5.71 16.72
C13 RV8 C . -7.02 -4.70 17.52
C18 RV8 C . -9.54 -0.70 13.92
C19 RV8 C . -9.18 -0.73 12.42
C20 RV8 C . -8.70 0.55 11.93
C02 RV8 C . -11.13 -2.39 14.92
C04 RV8 C . -12.77 -4.06 15.92
C05 RV8 C . -13.59 -4.69 14.79
C06 RV8 C . -15.01 -4.55 14.97
C08 RV8 C . -10.33 -4.71 15.56
C15 RV8 C . -8.72 -3.02 14.57
N03 RV8 C . -11.40 -3.72 15.47
N17 RV8 C . -9.79 -2.05 14.46
O01 RV8 C . -12.01 -1.59 14.84
O07 RV8 C . -14.33 -3.77 13.96
O09 RV8 C . -10.54 -5.79 16.03
O14 RV8 C . -8.44 -4.94 17.69
O16 RV8 C . -7.61 -2.74 14.20
O21 RV8 C . -7.79 -0.57 12.07
H112 RV8 C . -7.07 -4.97 14.87
H111 RV8 C . -8.12 -6.14 14.72
H121 RV8 C . -7.54 -6.63 16.98
H131 RV8 C . -6.78 -3.90 17.06
H132 RV8 C . -6.45 -5.05 18.23
H182 RV8 C . -10.34 -0.16 14.04
H181 RV8 C . -8.80 -0.29 14.41
H191 RV8 C . -9.68 -1.28 11.80
H201 RV8 C . -8.95 0.76 11.01
H202 RV8 C . -8.61 1.25 12.58
H041 RV8 C . -13.21 -3.26 16.24
H042 RV8 C . -12.71 -4.69 16.66
H051 RV8 C . -13.27 -5.49 14.32
H062 RV8 C . -15.55 -5.29 14.63
H061 RV8 C . -15.29 -4.06 15.75
#